data_4Q53
#
_entry.id   4Q53
#
_cell.length_a   108.136
_cell.length_b   37.109
_cell.length_c   61.376
_cell.angle_alpha   90.00
_cell.angle_beta   121.66
_cell.angle_gamma   90.00
#
_symmetry.space_group_name_H-M   'C 1 2 1'
#
loop_
_entity.id
_entity.type
_entity.pdbx_description
1 polymer 'Uncharacterized protein'
2 non-polymer 'IODIDE ION'
3 non-polymer 'TRIETHYLENE GLYCOL'
4 non-polymer 'CHLORIDE ION'
5 non-polymer 1,2-ETHANEDIOL
6 non-polymer 2,5,8,11,14,17,20,23-OCTAOXAPENTACOSAN-25-OL
7 non-polymer 'TETRAETHYLENE GLYCOL'
8 non-polymer 'SODIUM ION'
9 water water
#
_entity_poly.entity_id   1
_entity_poly.type   'polypeptide(L)'
_entity_poly.pdbx_seq_one_letter_code
;GQNVPEGVIGAFKEGNSQELNKYLGDKVDLIIQNKSTHADKRTAEGT(MSE)AAFFSNHKVGSFNVNHQGKRDESGFVIG
IL(MSE)TANGNFRVN(CSO)FFRKVQNKYVIHQIRIDKTDE
;
_entity_poly.pdbx_strand_id   A,B
#
# COMPACT_ATOMS: atom_id res chain seq x y z
N ASN A 3 -23.22 -5.20 5.38
CA ASN A 3 -23.06 -4.87 3.97
C ASN A 3 -21.64 -4.40 3.62
N VAL A 4 -20.66 -4.95 4.31
CA VAL A 4 -19.26 -4.59 4.11
C VAL A 4 -18.55 -5.80 3.50
N PRO A 5 -17.74 -5.59 2.44
CA PRO A 5 -17.29 -4.34 1.85
C PRO A 5 -18.07 -3.88 0.62
N GLU A 6 -19.17 -4.57 0.32
CA GLU A 6 -19.98 -4.25 -0.86
C GLU A 6 -20.41 -2.78 -0.86
N GLY A 7 -20.84 -2.27 0.29
CA GLY A 7 -21.27 -0.88 0.37
C GLY A 7 -20.16 0.13 0.10
N VAL A 8 -18.95 -0.18 0.56
CA VAL A 8 -17.81 0.70 0.34
C VAL A 8 -17.42 0.66 -1.13
N ILE A 9 -17.38 -0.54 -1.70
CA ILE A 9 -17.06 -0.68 -3.10
C ILE A 9 -18.07 0.10 -3.93
N GLY A 10 -19.35 -0.03 -3.60
CA GLY A 10 -20.39 0.68 -4.33
C GLY A 10 -20.24 2.19 -4.21
N ALA A 11 -19.89 2.67 -3.02
CA ALA A 11 -19.69 4.09 -2.81
C ALA A 11 -18.57 4.63 -3.68
N PHE A 12 -17.46 3.89 -3.79
CA PHE A 12 -16.39 4.28 -4.67
C PHE A 12 -16.80 4.22 -6.13
N LYS A 13 -17.53 3.17 -6.52
CA LYS A 13 -17.99 3.05 -7.91
C LYS A 13 -18.83 4.26 -8.32
N GLU A 14 -19.57 4.79 -7.36
CA GLU A 14 -20.49 5.90 -7.63
C GLU A 14 -19.91 7.26 -7.26
N GLY A 15 -18.71 7.28 -6.68
CA GLY A 15 -18.11 8.54 -6.27
C GLY A 15 -18.98 9.26 -5.28
N ASN A 16 -19.51 8.50 -4.31
CA ASN A 16 -20.47 9.05 -3.38
CA ASN A 16 -20.52 8.98 -3.38
C ASN A 16 -19.98 9.00 -1.93
N SER A 17 -19.53 10.15 -1.44
CA SER A 17 -18.98 10.24 -0.08
C SER A 17 -20.05 10.09 0.99
N GLN A 18 -21.28 10.48 0.69
CA GLN A 18 -22.36 10.32 1.66
C GLN A 18 -22.61 8.84 1.93
N GLU A 19 -22.63 8.02 0.88
CA GLU A 19 -22.77 6.59 1.06
CA GLU A 19 -22.76 6.58 1.04
C GLU A 19 -21.55 6.00 1.77
N LEU A 20 -20.37 6.50 1.43
CA LEU A 20 -19.14 6.00 2.04
C LEU A 20 -19.16 6.24 3.56
N ASN A 21 -19.78 7.34 3.94
CA ASN A 21 -19.82 7.77 5.33
C ASN A 21 -20.29 6.80 6.43
N LYS A 22 -21.19 5.97 5.88
N LYS A 22 -21.18 5.98 5.86
CA LYS A 22 -21.97 4.99 6.59
CA LYS A 22 -21.99 4.97 6.51
C LYS A 22 -20.97 4.00 7.04
C LYS A 22 -21.04 3.92 6.97
N TYR A 23 -19.95 3.77 6.20
CA TYR A 23 -18.90 2.85 6.67
C TYR A 23 -17.63 3.38 7.32
N LEU A 24 -17.55 4.67 7.52
CA LEU A 24 -16.33 5.26 8.08
C LEU A 24 -16.27 5.07 9.60
N GLY A 25 -15.07 4.76 10.11
CA GLY A 25 -14.82 4.78 11.54
C GLY A 25 -14.86 6.19 12.10
N ASP A 26 -14.82 6.29 13.41
CA ASP A 26 -14.91 7.61 14.04
C ASP A 26 -13.63 8.41 13.83
N LYS A 27 -12.53 7.71 13.59
CA LYS A 27 -11.24 8.29 13.22
CA LYS A 27 -11.27 8.31 13.20
C LYS A 27 -10.75 7.54 12.00
N VAL A 28 -10.33 8.27 10.98
CA VAL A 28 -9.88 7.68 9.73
C VAL A 28 -8.58 8.33 9.33
N ASP A 29 -7.58 7.52 9.05
CA ASP A 29 -6.36 8.00 8.44
C ASP A 29 -6.53 8.03 6.93
N LEU A 30 -6.35 9.21 6.35
N LEU A 30 -6.38 9.20 6.33
CA LEU A 30 -6.39 9.36 4.91
CA LEU A 30 -6.44 9.32 4.86
C LEU A 30 -5.00 9.65 4.41
C LEU A 30 -5.11 9.77 4.28
N ILE A 31 -4.61 9.00 3.32
CA ILE A 31 -3.36 9.35 2.65
C ILE A 31 -3.68 9.46 1.18
N ILE A 32 -3.80 10.69 0.69
CA ILE A 32 -4.29 10.95 -0.66
C ILE A 32 -3.22 11.71 -1.37
N GLN A 33 -2.64 11.14 -2.42
N GLN A 33 -2.66 11.08 -2.40
CA GLN A 33 -1.51 11.77 -3.09
CA GLN A 33 -1.52 11.62 -3.13
C GLN A 33 -0.42 12.18 -2.09
C GLN A 33 -0.42 12.12 -2.17
N ASN A 34 -0.12 11.27 -1.18
CA ASN A 34 0.93 11.48 -0.19
C ASN A 34 0.65 12.55 0.83
N LYS A 35 -0.57 13.07 0.86
CA LYS A 35 -0.99 13.98 1.92
C LYS A 35 -1.74 13.18 2.98
N SER A 36 -1.19 13.16 4.19
CA SER A 36 -1.71 12.34 5.27
CA SER A 36 -1.70 12.34 5.28
C SER A 36 -2.50 13.17 6.28
N THR A 37 -3.66 12.65 6.68
N THR A 37 -3.67 12.65 6.63
CA THR A 37 -4.49 13.32 7.67
CA THR A 37 -4.53 13.26 7.63
C THR A 37 -5.18 12.32 8.57
C THR A 37 -4.97 12.20 8.62
N HIS A 38 -5.20 12.61 9.86
CA HIS A 38 -5.81 11.77 10.87
C HIS A 38 -7.10 12.48 11.19
N ALA A 39 -8.17 12.03 10.58
CA ALA A 39 -9.41 12.80 10.50
C ALA A 39 -10.50 12.21 11.36
N ASP A 40 -11.34 13.03 11.96
CA ASP A 40 -12.59 12.51 12.50
C ASP A 40 -13.53 12.17 11.32
N LYS A 41 -14.60 11.47 11.63
CA LYS A 41 -15.51 10.99 10.60
CA LYS A 41 -15.51 10.99 10.59
C LYS A 41 -16.02 12.12 9.70
N ARG A 42 -16.42 13.24 10.29
N ARG A 42 -16.44 13.23 10.31
N ARG A 42 -16.37 13.24 10.30
CA ARG A 42 -16.98 14.34 9.52
CA ARG A 42 -16.97 14.35 9.54
CA ARG A 42 -16.96 14.35 9.55
C ARG A 42 -15.95 14.92 8.55
C ARG A 42 -15.94 14.88 8.55
C ARG A 42 -15.95 14.93 8.56
N THR A 43 -14.72 15.08 9.00
CA THR A 43 -13.66 15.62 8.16
C THR A 43 -13.30 14.61 7.07
N ALA A 44 -13.31 13.34 7.40
CA ALA A 44 -13.03 12.31 6.42
C ALA A 44 -14.07 12.31 5.30
N GLU A 45 -15.33 12.42 5.66
CA GLU A 45 -16.38 12.50 4.64
C GLU A 45 -16.19 13.73 3.77
N GLY A 46 -15.85 14.86 4.38
CA GLY A 46 -15.62 16.09 3.64
C GLY A 46 -14.44 15.99 2.68
N THR A 47 -13.38 15.36 3.14
CA THR A 47 -12.21 15.15 2.30
C THR A 47 -12.58 14.25 1.10
N ALA A 49 -15.58 13.83 -0.16
CA ALA A 49 -16.49 14.58 -1.01
C ALA A 49 -15.70 15.44 -1.98
N ALA A 50 -14.69 16.13 -1.46
CA ALA A 50 -13.85 16.98 -2.30
C ALA A 50 -13.11 16.11 -3.32
N PHE A 51 -12.62 14.95 -2.89
CA PHE A 51 -11.88 14.11 -3.82
C PHE A 51 -12.76 13.66 -4.97
N PHE A 52 -13.96 13.18 -4.66
CA PHE A 52 -14.87 12.72 -5.71
C PHE A 52 -15.35 13.87 -6.61
N SER A 53 -15.47 15.08 -6.05
N SER A 53 -15.46 15.08 -6.06
N SER A 53 -15.48 15.07 -6.05
CA SER A 53 -15.89 16.23 -6.83
CA SER A 53 -15.91 16.22 -6.85
CA SER A 53 -15.88 16.22 -6.84
C SER A 53 -14.81 16.59 -7.85
C SER A 53 -14.81 16.71 -7.80
C SER A 53 -14.81 16.57 -7.87
N ASN A 54 -13.55 16.46 -7.44
CA ASN A 54 -12.42 16.81 -8.30
C ASN A 54 -11.94 15.65 -9.20
N HIS A 55 -12.47 14.44 -8.99
CA HIS A 55 -12.09 13.26 -9.77
C HIS A 55 -13.34 12.44 -10.08
N LYS A 56 -14.01 12.78 -11.18
N LYS A 56 -14.03 12.78 -11.16
CA LYS A 56 -15.29 12.15 -11.50
CA LYS A 56 -15.30 12.15 -11.45
C LYS A 56 -15.09 10.68 -11.80
C LYS A 56 -15.10 10.69 -11.80
N VAL A 57 -15.66 9.82 -10.97
CA VAL A 57 -15.39 8.40 -11.07
C VAL A 57 -16.07 7.77 -12.28
N GLY A 58 -15.28 7.04 -13.07
CA GLY A 58 -15.78 6.20 -14.15
C GLY A 58 -15.95 4.75 -13.74
N SER A 59 -15.02 4.21 -12.96
CA SER A 59 -15.13 2.82 -12.53
CA SER A 59 -15.11 2.81 -12.55
C SER A 59 -14.28 2.59 -11.29
N PHE A 60 -14.64 1.56 -10.54
CA PHE A 60 -13.80 1.06 -9.45
C PHE A 60 -13.84 -0.46 -9.52
N ASN A 61 -12.67 -1.05 -9.64
CA ASN A 61 -12.57 -2.50 -9.73
C ASN A 61 -11.61 -3.02 -8.69
N VAL A 62 -12.11 -3.91 -7.86
CA VAL A 62 -11.33 -4.53 -6.80
C VAL A 62 -10.55 -5.71 -7.35
N ASN A 63 -9.32 -5.88 -6.89
CA ASN A 63 -8.51 -7.04 -7.24
C ASN A 63 -8.01 -7.88 -6.07
N HIS A 64 -8.23 -7.41 -4.84
CA HIS A 64 -7.85 -8.23 -3.67
C HIS A 64 -8.61 -7.70 -2.48
N GLN A 65 -9.26 -8.61 -1.75
CA GLN A 65 -9.93 -8.23 -0.52
CA GLN A 65 -9.95 -8.23 -0.52
C GLN A 65 -9.93 -9.39 0.45
N GLY A 66 -10.06 -9.11 1.73
CA GLY A 66 -10.10 -10.19 2.68
C GLY A 66 -10.36 -9.66 4.06
N LYS A 67 -10.72 -10.58 4.96
CA LYS A 67 -10.95 -10.20 6.34
CA LYS A 67 -10.99 -10.20 6.34
C LYS A 67 -10.69 -11.32 7.31
N ARG A 68 -10.29 -10.91 8.50
CA ARG A 68 -10.12 -11.79 9.63
C ARG A 68 -11.12 -11.27 10.65
N ASP A 69 -11.10 -11.84 11.85
CA ASP A 69 -12.11 -11.49 12.83
C ASP A 69 -12.11 -10.00 13.19
N GLU A 70 -10.93 -9.39 13.25
CA GLU A 70 -10.83 -8.01 13.74
C GLU A 70 -10.40 -6.96 12.70
N SER A 71 -10.13 -7.38 11.47
CA SER A 71 -9.69 -6.43 10.46
C SER A 71 -9.99 -6.95 9.08
N GLY A 72 -9.85 -6.08 8.08
CA GLY A 72 -10.02 -6.47 6.69
C GLY A 72 -9.48 -5.43 5.75
N PHE A 73 -9.46 -5.73 4.47
CA PHE A 73 -8.89 -4.84 3.48
C PHE A 73 -9.58 -5.02 2.13
N VAL A 74 -9.58 -3.94 1.35
CA VAL A 74 -10.01 -3.91 -0.04
C VAL A 74 -8.96 -3.10 -0.84
N ILE A 75 -8.52 -3.67 -1.96
CA ILE A 75 -7.54 -3.04 -2.83
C ILE A 75 -8.09 -3.04 -4.25
N GLY A 76 -8.07 -1.88 -4.89
CA GLY A 76 -8.59 -1.79 -6.24
C GLY A 76 -8.10 -0.58 -6.98
N ILE A 77 -8.57 -0.47 -8.21
CA ILE A 77 -8.20 0.61 -9.11
C ILE A 77 -9.42 1.48 -9.41
N LEU A 78 -9.24 2.77 -9.17
CA LEU A 78 -10.27 3.78 -9.40
C LEU A 78 -9.92 4.58 -10.65
N THR A 80 -10.87 7.61 -13.12
CA THR A 80 -11.63 8.86 -13.07
C THR A 80 -11.32 9.74 -14.26
N ALA A 81 -12.11 10.80 -14.39
CA ALA A 81 -11.92 11.77 -15.47
C ALA A 81 -10.69 12.66 -15.20
N ASN A 82 -10.06 12.52 -14.03
CA ASN A 82 -8.89 13.32 -13.65
C ASN A 82 -7.84 12.42 -12.98
N GLY A 83 -7.43 11.37 -13.68
CA GLY A 83 -6.45 10.43 -13.16
C GLY A 83 -7.02 9.09 -12.78
N ASN A 84 -6.13 8.10 -12.77
CA ASN A 84 -6.45 6.78 -12.22
C ASN A 84 -5.65 6.59 -10.94
N PHE A 85 -6.22 5.85 -9.99
CA PHE A 85 -5.67 5.75 -8.66
C PHE A 85 -5.75 4.32 -8.15
N ARG A 86 -4.71 3.89 -7.46
CA ARG A 86 -4.83 2.74 -6.60
C ARG A 86 -5.45 3.16 -5.30
N VAL A 87 -6.37 2.35 -4.81
CA VAL A 87 -7.07 2.61 -3.56
C VAL A 87 -6.87 1.42 -2.63
N ASN A 88 -6.50 1.72 -1.40
CA ASN A 88 -6.47 0.73 -0.35
C ASN A 88 -7.41 1.17 0.75
N PHE A 90 -8.57 -0.04 4.56
CA PHE A 90 -8.29 -0.95 5.65
C PHE A 90 -9.35 -0.78 6.72
N PHE A 91 -9.91 -1.91 7.15
CA PHE A 91 -11.04 -1.93 8.08
C PHE A 91 -10.63 -2.51 9.42
N ARG A 92 -11.28 -2.01 10.47
CA ARG A 92 -11.15 -2.56 11.80
CA ARG A 92 -11.15 -2.60 11.78
C ARG A 92 -12.54 -2.91 12.32
N LYS A 93 -12.67 -3.97 13.11
CA LYS A 93 -13.97 -4.30 13.67
C LYS A 93 -14.18 -3.50 14.95
N VAL A 94 -15.27 -2.74 14.98
CA VAL A 94 -15.67 -1.91 16.11
C VAL A 94 -17.17 -2.13 16.36
N GLN A 95 -17.50 -2.50 17.59
N GLN A 95 -17.52 -2.50 17.59
CA GLN A 95 -18.88 -2.81 17.96
CA GLN A 95 -18.91 -2.79 17.94
C GLN A 95 -19.49 -3.82 16.98
C GLN A 95 -19.49 -3.82 16.97
N ASN A 96 -18.73 -4.87 16.69
CA ASN A 96 -19.19 -5.95 15.81
C ASN A 96 -19.45 -5.56 14.35
N LYS A 97 -18.94 -4.42 13.92
CA LYS A 97 -19.07 -4.01 12.52
C LYS A 97 -17.73 -3.59 11.97
N TYR A 98 -17.45 -3.99 10.73
CA TYR A 98 -16.22 -3.55 10.08
C TYR A 98 -16.39 -2.11 9.63
N VAL A 99 -15.46 -1.25 10.05
CA VAL A 99 -15.49 0.15 9.65
C VAL A 99 -14.14 0.53 9.08
N ILE A 100 -14.15 1.55 8.23
CA ILE A 100 -12.91 1.99 7.62
C ILE A 100 -12.07 2.78 8.61
N HIS A 101 -10.81 2.36 8.73
CA HIS A 101 -9.84 3.01 9.58
C HIS A 101 -8.76 3.75 8.78
N GLN A 102 -8.51 3.31 7.55
CA GLN A 102 -7.52 3.97 6.68
C GLN A 102 -7.94 3.87 5.23
N ILE A 103 -7.78 4.98 4.51
CA ILE A 103 -7.93 5.02 3.06
C ILE A 103 -6.65 5.60 2.48
N ARG A 104 -6.03 4.86 1.57
CA ARG A 104 -4.90 5.34 0.80
C ARG A 104 -5.33 5.44 -0.65
N ILE A 105 -5.00 6.56 -1.28
CA ILE A 105 -5.32 6.78 -2.68
C ILE A 105 -4.05 7.32 -3.33
N ASP A 106 -3.55 6.61 -4.33
CA ASP A 106 -2.31 6.99 -4.98
C ASP A 106 -2.41 6.94 -6.49
N LYS A 107 -2.06 8.05 -7.13
CA LYS A 107 -2.20 8.15 -8.56
C LYS A 107 -1.27 7.21 -9.26
N THR A 108 -1.78 6.55 -10.30
CA THR A 108 -0.99 5.65 -11.11
C THR A 108 0.00 6.43 -11.95
N ASP A 109 0.98 5.71 -12.50
CA ASP A 109 2.06 6.28 -13.29
C ASP A 109 1.65 6.32 -14.76
N GLU A 110 0.65 7.12 -15.08
CA GLU A 110 0.23 7.26 -16.46
C GLU A 110 -0.37 8.64 -16.68
N GLY B 1 25.04 -15.15 -10.54
CA GLY B 1 24.31 -14.39 -9.54
C GLY B 1 23.69 -15.31 -8.51
N GLN B 2 23.13 -14.70 -7.45
CA GLN B 2 22.39 -15.45 -6.45
C GLN B 2 20.95 -15.65 -6.94
N ASN B 3 20.29 -16.71 -6.47
CA ASN B 3 18.88 -16.91 -6.80
C ASN B 3 18.02 -15.76 -6.25
N VAL B 4 16.85 -15.60 -6.86
N VAL B 4 16.96 -15.36 -6.94
CA VAL B 4 15.74 -14.84 -6.33
CA VAL B 4 16.43 -14.01 -6.73
C VAL B 4 14.74 -15.86 -5.76
C VAL B 4 15.81 -13.72 -5.36
N PRO B 5 14.20 -15.62 -4.55
N PRO B 5 14.81 -14.51 -4.94
CA PRO B 5 14.32 -14.38 -3.78
CA PRO B 5 14.25 -14.31 -3.60
C PRO B 5 15.45 -14.36 -2.76
C PRO B 5 15.31 -14.47 -2.51
N GLU B 6 16.23 -15.42 -2.66
CA GLU B 6 17.29 -15.55 -1.69
C GLU B 6 18.18 -14.30 -1.64
N GLY B 7 18.51 -13.76 -2.82
CA GLY B 7 19.34 -12.57 -2.90
C GLY B 7 18.69 -11.35 -2.25
N VAL B 8 17.40 -11.18 -2.47
CA VAL B 8 16.67 -10.09 -1.88
C VAL B 8 16.58 -10.23 -0.38
N ILE B 9 16.28 -11.44 0.06
CA ILE B 9 16.19 -11.71 1.49
C ILE B 9 17.53 -11.35 2.15
N GLY B 10 18.64 -11.78 1.56
CA GLY B 10 19.96 -11.47 2.09
C GLY B 10 20.21 -9.96 2.15
N ALA B 11 19.76 -9.24 1.13
CA ALA B 11 19.95 -7.79 1.10
C ALA B 11 19.22 -7.13 2.25
N PHE B 12 18.01 -7.58 2.52
CA PHE B 12 17.29 -7.05 3.68
C PHE B 12 17.95 -7.45 5.00
N LYS B 13 18.40 -8.68 5.11
CA LYS B 13 19.09 -9.13 6.33
C LYS B 13 20.29 -8.26 6.68
N GLU B 14 20.97 -7.75 5.64
CA GLU B 14 22.17 -6.96 5.81
C GLU B 14 21.93 -5.47 5.70
N GLY B 15 20.69 -5.05 5.44
CA GLY B 15 20.41 -3.65 5.26
C GLY B 15 21.23 -3.04 4.14
N ASN B 16 21.39 -3.76 3.04
CA ASN B 16 22.29 -3.33 1.98
C ASN B 16 21.54 -3.03 0.69
N SER B 17 21.36 -1.74 0.41
CA SER B 17 20.61 -1.34 -0.77
C SER B 17 21.36 -1.62 -2.06
N GLN B 18 22.69 -1.68 -2.02
CA GLN B 18 23.52 -2.03 -3.18
CA GLN B 18 23.40 -1.97 -3.24
C GLN B 18 23.31 -3.46 -3.61
N GLU B 19 23.21 -4.35 -2.61
CA GLU B 19 22.88 -5.73 -2.92
C GLU B 19 21.46 -5.80 -3.46
N LEU B 20 20.54 -5.09 -2.82
CA LEU B 20 19.15 -5.08 -3.25
C LEU B 20 19.02 -4.65 -4.70
N ASN B 21 19.85 -3.67 -5.08
CA ASN B 21 19.84 -3.07 -6.39
C ASN B 21 19.99 -4.09 -7.51
N LYS B 22 20.74 -5.16 -7.23
CA LYS B 22 20.96 -6.22 -8.22
C LYS B 22 19.66 -6.87 -8.66
N TYR B 23 18.60 -6.75 -7.85
CA TYR B 23 17.32 -7.42 -8.11
C TYR B 23 16.19 -6.47 -8.44
N LEU B 24 16.46 -5.17 -8.47
CA LEU B 24 15.44 -4.18 -8.76
C LEU B 24 15.14 -4.11 -10.24
N GLY B 25 13.86 -3.98 -10.57
CA GLY B 25 13.49 -3.67 -11.91
C GLY B 25 13.86 -2.26 -12.32
N ASP B 26 13.65 -1.96 -13.58
CA ASP B 26 13.94 -0.62 -14.08
C ASP B 26 12.95 0.43 -13.62
N LYS B 27 11.73 -0.01 -13.31
CA LYS B 27 10.73 0.82 -12.65
C LYS B 27 10.28 0.08 -11.41
N VAL B 28 10.26 0.78 -10.29
CA VAL B 28 9.87 0.20 -9.02
C VAL B 28 8.94 1.16 -8.30
N ASP B 29 7.78 0.65 -7.87
CA ASP B 29 6.91 1.41 -7.03
C ASP B 29 7.27 1.17 -5.57
N LEU B 30 7.37 2.24 -4.80
CA LEU B 30 7.70 2.17 -3.39
C LEU B 30 6.58 2.75 -2.58
N ILE B 31 6.23 2.09 -1.47
CA ILE B 31 5.26 2.61 -0.53
C ILE B 31 5.91 2.41 0.83
N ILE B 32 6.57 3.45 1.31
CA ILE B 32 7.44 3.34 2.48
C ILE B 32 6.80 4.17 3.59
N GLN B 33 6.23 3.51 4.59
CA GLN B 33 5.45 4.16 5.63
C GLN B 33 4.46 5.15 5.03
N ASN B 34 3.68 4.66 4.06
CA ASN B 34 2.65 5.44 3.38
C ASN B 34 3.14 6.62 2.53
N LYS B 35 4.42 6.69 2.24
CA LYS B 35 4.92 7.62 1.25
CA LYS B 35 4.95 7.62 1.24
C LYS B 35 5.16 6.84 -0.05
N SER B 36 4.42 7.19 -1.09
N SER B 36 4.43 7.17 -1.10
N SER B 36 4.39 7.18 -1.09
CA SER B 36 4.45 6.46 -2.37
CA SER B 36 4.53 6.42 -2.35
CA SER B 36 4.45 6.47 -2.37
C SER B 36 5.25 7.19 -3.42
C SER B 36 5.42 7.14 -3.35
C SER B 36 5.41 7.17 -3.31
N THR B 37 6.13 6.45 -4.08
N THR B 37 6.14 6.36 -4.14
CA THR B 37 6.84 6.99 -5.22
CA THR B 37 6.99 6.89 -5.18
C THR B 37 6.84 5.99 -6.36
C THR B 37 6.96 5.96 -6.38
N HIS B 38 6.78 6.51 -7.58
CA HIS B 38 6.95 5.74 -8.79
C HIS B 38 8.38 5.99 -9.21
N ALA B 39 9.26 5.08 -8.84
CA ALA B 39 10.71 5.27 -8.97
C ALA B 39 11.28 4.56 -10.19
N ASP B 40 12.39 5.08 -10.69
CA ASP B 40 13.28 4.29 -11.51
C ASP B 40 14.23 3.51 -10.59
N LYS B 41 15.07 2.68 -11.18
CA LYS B 41 15.95 1.83 -10.41
CA LYS B 41 15.94 1.82 -10.38
C LYS B 41 16.83 2.63 -9.45
N ARG B 42 17.47 3.67 -9.96
CA ARG B 42 18.39 4.46 -9.15
C ARG B 42 17.72 5.14 -7.97
N THR B 43 16.52 5.66 -8.20
CA THR B 43 15.77 6.30 -7.14
C THR B 43 15.33 5.27 -6.11
N ALA B 44 14.95 4.09 -6.56
CA ALA B 44 14.56 3.04 -5.63
C ALA B 44 15.74 2.64 -4.75
N GLU B 45 16.90 2.49 -5.37
CA GLU B 45 18.10 2.17 -4.59
C GLU B 45 18.36 3.26 -3.55
N GLY B 46 18.25 4.53 -3.95
CA GLY B 46 18.54 5.62 -3.03
C GLY B 46 17.54 5.72 -1.88
N THR B 47 16.26 5.46 -2.17
CA THR B 47 15.24 5.46 -1.15
C THR B 47 15.52 4.36 -0.14
N ALA B 49 18.48 2.96 0.40
CA ALA B 49 19.70 3.34 1.11
C ALA B 49 19.37 4.23 2.31
N ALA B 50 18.50 5.22 2.11
CA ALA B 50 18.10 6.10 3.19
C ALA B 50 17.36 5.32 4.25
N PHE B 51 16.44 4.44 3.84
CA PHE B 51 15.67 3.67 4.82
C PHE B 51 16.60 2.84 5.70
N PHE B 52 17.54 2.14 5.10
CA PHE B 52 18.43 1.28 5.89
C PHE B 52 19.35 2.12 6.78
N SER B 53 19.77 3.28 6.31
CA SER B 53 20.63 4.16 7.08
CA SER B 53 20.62 4.18 7.07
CA SER B 53 20.65 4.13 7.11
C SER B 53 19.92 4.68 8.32
N ASN B 54 18.61 4.94 8.19
CA ASN B 54 17.82 5.48 9.28
C ASN B 54 17.14 4.43 10.15
N HIS B 55 17.23 3.17 9.74
CA HIS B 55 16.68 2.06 10.51
C HIS B 55 17.66 0.89 10.42
N LYS B 56 18.65 0.89 11.32
CA LYS B 56 19.73 -0.09 11.25
CA LYS B 56 19.72 -0.10 11.23
C LYS B 56 19.21 -1.50 11.48
N VAL B 57 19.38 -2.36 10.49
CA VAL B 57 18.78 -3.68 10.52
C VAL B 57 19.46 -4.61 11.50
N GLY B 58 18.63 -5.21 12.36
CA GLY B 58 19.04 -6.30 13.23
C GLY B 58 18.75 -7.67 12.63
N SER B 59 17.58 -7.83 12.01
CA SER B 59 17.24 -9.11 11.40
C SER B 59 16.14 -8.94 10.38
N PHE B 60 16.05 -9.90 9.47
CA PHE B 60 14.94 -10.01 8.55
C PHE B 60 14.52 -11.46 8.48
N ASN B 61 13.23 -11.71 8.74
CA ASN B 61 12.70 -13.06 8.73
C ASN B 61 11.48 -13.13 7.85
N VAL B 62 11.59 -13.96 6.81
CA VAL B 62 10.49 -14.15 5.89
C VAL B 62 9.40 -14.97 6.55
N ASN B 63 8.14 -14.61 6.26
CA ASN B 63 7.05 -15.44 6.72
CA ASN B 63 6.98 -15.34 6.75
C ASN B 63 6.03 -15.83 5.66
N HIS B 64 6.21 -15.37 4.42
CA HIS B 64 5.28 -15.74 3.35
C HIS B 64 5.94 -15.46 2.01
N GLN B 65 5.96 -16.46 1.13
CA GLN B 65 6.48 -16.23 -0.20
CA GLN B 65 6.48 -16.25 -0.20
C GLN B 65 5.79 -17.16 -1.20
N GLY B 66 5.72 -16.74 -2.44
CA GLY B 66 5.10 -17.56 -3.44
C GLY B 66 5.24 -16.98 -4.83
N LYS B 67 4.85 -17.76 -5.82
CA LYS B 67 4.91 -17.34 -7.21
CA LYS B 67 4.89 -17.32 -7.20
C LYS B 67 3.89 -18.08 -8.06
N ARG B 68 3.35 -17.36 -9.03
CA ARG B 68 2.38 -17.89 -9.94
C ARG B 68 2.38 -17.02 -11.20
N ASP B 69 2.10 -17.64 -12.34
CA ASP B 69 1.97 -16.92 -13.60
C ASP B 69 3.21 -16.04 -13.78
N GLU B 70 3.05 -14.74 -13.90
CA GLU B 70 4.19 -13.86 -14.19
C GLU B 70 4.65 -13.07 -12.97
N SER B 71 4.21 -13.50 -11.78
CA SER B 71 4.41 -12.73 -10.57
C SER B 71 4.99 -13.56 -9.43
N GLY B 72 5.45 -12.87 -8.40
CA GLY B 72 5.87 -13.52 -7.18
C GLY B 72 5.94 -12.51 -6.04
N PHE B 73 6.17 -13.01 -4.83
CA PHE B 73 6.22 -12.12 -3.68
C PHE B 73 7.01 -12.73 -2.54
N VAL B 74 7.59 -11.85 -1.73
CA VAL B 74 8.27 -12.23 -0.49
C VAL B 74 7.83 -11.24 0.58
N ILE B 75 7.34 -11.76 1.70
CA ILE B 75 6.87 -10.92 2.79
C ILE B 75 7.59 -11.34 4.06
N GLY B 76 8.02 -10.38 4.86
CA GLY B 76 8.67 -10.71 6.10
C GLY B 76 8.71 -9.58 7.09
N ILE B 77 9.34 -9.82 8.23
CA ILE B 77 9.46 -8.83 9.27
C ILE B 77 10.91 -8.41 9.42
N LEU B 78 11.11 -7.09 9.31
CA LEU B 78 12.41 -6.47 9.44
C LEU B 78 12.50 -5.84 10.82
N THR B 80 14.62 -3.60 13.34
CA THR B 80 15.67 -2.59 13.28
C THR B 80 15.83 -1.88 14.62
N ALA B 81 16.88 -1.06 14.72
CA ALA B 81 17.12 -0.28 15.92
C ALA B 81 16.15 0.89 16.03
N ASN B 82 15.36 1.11 14.98
CA ASN B 82 14.42 2.24 14.96
C ASN B 82 13.06 1.76 14.43
N GLY B 83 12.53 0.69 15.02
CA GLY B 83 11.23 0.12 14.64
C GLY B 83 11.28 -1.27 14.01
N ASN B 84 10.16 -1.97 14.09
CA ASN B 84 9.94 -3.22 13.35
C ASN B 84 8.97 -2.95 12.20
N PHE B 85 9.19 -3.61 11.07
CA PHE B 85 8.42 -3.32 9.87
C PHE B 85 8.03 -4.58 9.16
N ARG B 86 6.82 -4.59 8.61
CA ARG B 86 6.45 -5.58 7.61
C ARG B 86 6.96 -5.11 6.26
N VAL B 87 7.68 -5.97 5.55
CA VAL B 87 8.21 -5.69 4.23
C VAL B 87 7.54 -6.63 3.25
N ASN B 88 7.00 -6.06 2.20
CA ASN B 88 6.39 -6.81 1.11
CA ASN B 88 6.37 -6.79 1.12
C ASN B 88 7.15 -6.47 -0.14
N PHE B 90 7.15 -7.34 -4.23
CA PHE B 90 6.45 -7.92 -5.36
C PHE B 90 7.38 -7.99 -6.54
N PHE B 91 7.42 -9.18 -7.16
CA PHE B 91 8.27 -9.48 -8.29
C PHE B 91 7.47 -9.71 -9.55
N ARG B 92 8.06 -9.35 -10.68
CA ARG B 92 7.55 -9.65 -12.01
C ARG B 92 8.61 -10.39 -12.76
N LYS B 93 8.19 -11.39 -13.52
CA LYS B 93 9.10 -12.09 -14.40
C LYS B 93 9.27 -11.24 -15.67
N VAL B 94 10.48 -10.66 -15.83
CA VAL B 94 10.87 -9.80 -16.94
C VAL B 94 12.04 -10.49 -17.64
N GLN B 95 11.84 -10.84 -18.90
N GLN B 95 11.82 -10.84 -18.91
CA GLN B 95 12.86 -11.56 -19.67
CA GLN B 95 12.80 -11.58 -19.70
C GLN B 95 13.33 -12.82 -18.94
C GLN B 95 13.32 -12.81 -18.95
N ASN B 96 12.38 -13.64 -18.49
CA ASN B 96 12.70 -14.90 -17.81
C ASN B 96 13.45 -14.76 -16.48
N LYS B 97 13.43 -13.57 -15.92
CA LYS B 97 14.08 -13.28 -14.65
C LYS B 97 13.10 -12.56 -13.73
N TYR B 98 13.07 -12.94 -12.46
CA TYR B 98 12.22 -12.22 -11.50
C TYR B 98 12.94 -10.98 -11.01
N VAL B 99 12.27 -9.83 -11.12
CA VAL B 99 12.81 -8.57 -10.62
C VAL B 99 11.76 -7.88 -9.75
N ILE B 100 12.24 -7.09 -8.81
CA ILE B 100 11.33 -6.36 -7.94
C ILE B 100 10.65 -5.25 -8.70
N HIS B 101 9.33 -5.22 -8.62
CA HIS B 101 8.53 -4.12 -9.17
C HIS B 101 7.81 -3.27 -8.12
N GLN B 102 7.64 -3.79 -6.91
CA GLN B 102 7.09 -2.98 -5.84
C GLN B 102 7.67 -3.40 -4.50
N ILE B 103 7.90 -2.42 -3.64
CA ILE B 103 8.28 -2.66 -2.25
C ILE B 103 7.35 -1.83 -1.37
N ARG B 104 6.71 -2.48 -0.40
CA ARG B 104 5.89 -1.80 0.57
C ARG B 104 6.41 -2.13 1.96
N ILE B 105 6.62 -1.10 2.76
CA ILE B 105 7.14 -1.22 4.11
C ILE B 105 6.23 -0.46 5.07
N ASP B 106 5.76 -1.16 6.11
CA ASP B 106 4.84 -0.57 7.09
C ASP B 106 5.35 -0.88 8.48
N LYS B 107 5.30 0.09 9.38
CA LYS B 107 5.69 -0.17 10.75
C LYS B 107 4.66 -1.10 11.40
N THR B 108 5.12 -2.04 12.22
CA THR B 108 4.19 -2.94 12.91
C THR B 108 4.52 -3.10 14.38
N ASP B 109 3.48 -3.17 15.21
CA ASP B 109 3.63 -3.40 16.63
C ASP B 109 3.59 -4.90 16.91
#